data_3R8C
#
_entry.id   3R8C
#
_cell.length_a   34.130
_cell.length_b   70.490
_cell.length_c   92.320
_cell.angle_alpha   90.000
_cell.angle_beta   91.950
_cell.angle_gamma   90.000
#
_symmetry.space_group_name_H-M   'P 1 21 1'
#
loop_
_entity.id
_entity.type
_entity.pdbx_description
1 polymer 'Cytidylate kinase'
2 water water
#
_entity_poly.entity_id   1
_entity_poly.type   'polypeptide(L)'
_entity_poly.pdbx_seq_one_letter_code
;GPGSMVVAVDGPSGTGKSSVAKELARQLGASYLDTGAMYRIVTLWVLRAGVDLTDPAAIAAATDQVPMSVSSDPDAQTAL
LAGEDVSVPIRGNEVTGAVSAVSAVPAVRERLVRQQRELAESSGAVVVEGRDIGTVVLPDADVKIYLTASAQARAQRRNA
QNVSGGGDDEYEKVLADVQRRDHLDSTRAVSPLRPAEDALEVDTSDMTQEQVVAHLLDLVRTRAGASR
;
_entity_poly.pdbx_strand_id   A,B
#
# COMPACT_ATOMS: atom_id res chain seq x y z
N SER A 4 8.80 18.24 -32.46
CA SER A 4 8.55 19.71 -32.39
C SER A 4 8.79 20.32 -30.99
N MET A 5 7.78 20.99 -30.43
CA MET A 5 7.92 21.74 -29.19
C MET A 5 7.48 20.97 -27.92
N VAL A 6 8.40 20.88 -26.97
CA VAL A 6 8.15 20.21 -25.66
C VAL A 6 7.94 21.28 -24.59
N VAL A 7 6.85 21.16 -23.83
CA VAL A 7 6.64 21.99 -22.67
C VAL A 7 6.46 21.05 -21.53
N ALA A 8 7.30 21.25 -20.51
CA ALA A 8 7.29 20.54 -19.24
C ALA A 8 6.49 21.39 -18.27
N VAL A 9 5.67 20.74 -17.46
CA VAL A 9 4.94 21.48 -16.43
C VAL A 9 5.13 20.69 -15.16
N ASP A 10 5.91 21.26 -14.25
CA ASP A 10 6.16 20.66 -12.96
C ASP A 10 5.48 21.47 -11.87
N GLY A 11 5.54 20.97 -10.64
CA GLY A 11 5.02 21.65 -9.49
C GLY A 11 4.40 20.68 -8.50
N PRO A 12 4.21 21.13 -7.24
CA PRO A 12 3.50 20.34 -6.25
C PRO A 12 2.04 20.11 -6.63
N SER A 13 1.39 19.31 -5.81
CA SER A 13 -0.03 19.00 -5.98
C SER A 13 -0.88 20.10 -5.35
N GLY A 14 -2.16 20.17 -5.72
CA GLY A 14 -3.13 21.10 -5.16
C GLY A 14 -3.14 22.50 -5.78
N THR A 15 -2.34 22.71 -6.84
CA THR A 15 -2.28 24.00 -7.57
C THR A 15 -3.22 24.00 -8.79
N GLY A 16 -3.93 22.87 -9.00
CA GLY A 16 -4.78 22.65 -10.18
C GLY A 16 -3.97 22.52 -11.47
N LYS A 17 -2.71 22.10 -11.33
CA LYS A 17 -1.75 21.94 -12.44
C LYS A 17 -2.28 21.13 -13.64
N SER A 18 -2.96 20.01 -13.36
CA SER A 18 -3.44 19.10 -14.41
C SER A 18 -4.47 19.71 -15.30
N SER A 19 -5.50 20.28 -14.70
CA SER A 19 -6.51 21.00 -15.47
C SER A 19 -5.83 22.08 -16.36
N VAL A 20 -4.85 22.78 -15.79
CA VAL A 20 -4.12 23.83 -16.53
C VAL A 20 -3.26 23.34 -17.72
N ALA A 21 -2.43 22.31 -17.51
CA ALA A 21 -1.62 21.72 -18.58
C ALA A 21 -2.47 21.11 -19.69
N LYS A 22 -3.57 20.43 -19.35
CA LYS A 22 -4.51 19.93 -20.36
C LYS A 22 -4.98 21.06 -21.26
N GLU A 23 -5.47 22.13 -20.63
CA GLU A 23 -6.01 23.25 -21.39
C GLU A 23 -4.92 23.95 -22.20
N LEU A 24 -3.75 24.14 -21.59
CA LEU A 24 -2.57 24.64 -22.29
C LEU A 24 -2.30 23.83 -23.56
N ALA A 25 -2.39 22.51 -23.42
CA ALA A 25 -2.22 21.58 -24.51
C ALA A 25 -3.23 21.81 -25.59
N ARG A 26 -4.50 21.93 -25.22
CA ARG A 26 -5.57 22.20 -26.20
C ARG A 26 -5.29 23.52 -26.96
N GLN A 27 -4.90 24.56 -26.23
CA GLN A 27 -4.81 25.87 -26.86
C GLN A 27 -3.57 25.95 -27.75
N LEU A 28 -2.58 25.10 -27.47
CA LEU A 28 -1.39 25.03 -28.31
C LEU A 28 -1.55 24.11 -29.52
N GLY A 29 -2.68 23.41 -29.62
CA GLY A 29 -2.86 22.36 -30.62
C GLY A 29 -1.92 21.18 -30.35
N ALA A 30 -1.58 20.97 -29.07
CA ALA A 30 -0.57 19.97 -28.74
C ALA A 30 -1.07 18.73 -28.01
N SER A 31 -0.20 17.72 -28.01
CA SER A 31 -0.42 16.53 -27.25
C SER A 31 -0.21 16.80 -25.76
N TYR A 32 -0.71 15.87 -24.94
CA TYR A 32 -0.64 15.98 -23.49
C TYR A 32 -0.28 14.64 -22.88
N LEU A 33 0.66 14.68 -21.94
CA LEU A 33 1.06 13.48 -21.20
C LEU A 33 1.02 13.69 -19.65
N ASP A 34 0.17 12.91 -18.99
CA ASP A 34 0.02 12.90 -17.55
C ASP A 34 0.94 11.83 -17.00
N THR A 35 2.12 12.22 -16.52
CA THR A 35 3.11 11.23 -16.11
C THR A 35 2.76 10.63 -14.74
N GLY A 36 2.16 11.47 -13.88
CA GLY A 36 1.65 11.03 -12.58
C GLY A 36 0.69 9.87 -12.75
N ALA A 37 -0.19 9.92 -13.72
CA ALA A 37 -1.08 8.81 -13.97
C ALA A 37 -0.34 7.50 -14.24
N MET A 38 0.70 7.59 -15.05
CA MET A 38 1.52 6.41 -15.37
C MET A 38 2.08 5.79 -14.11
N TYR A 39 2.62 6.60 -13.20
CA TYR A 39 2.99 5.99 -11.89
C TYR A 39 1.81 5.33 -11.15
N ARG A 40 0.63 5.95 -11.23
CA ARG A 40 -0.54 5.45 -10.50
C ARG A 40 -1.08 4.15 -11.09
N ILE A 41 -0.93 3.98 -12.42
CA ILE A 41 -1.33 2.76 -13.10
C ILE A 41 -0.47 1.58 -12.61
N VAL A 42 0.84 1.79 -12.56
CA VAL A 42 1.77 0.77 -12.04
C VAL A 42 1.42 0.40 -10.57
N THR A 43 1.08 1.39 -9.78
CA THR A 43 0.71 1.19 -8.39
C THR A 43 -0.55 0.35 -8.30
N LEU A 44 -1.61 0.74 -9.00
CA LEU A 44 -2.76 -0.15 -9.05
C LEU A 44 -2.37 -1.65 -9.29
N TRP A 45 -1.57 -1.91 -10.32
CA TRP A 45 -1.16 -3.25 -10.71
C TRP A 45 -0.46 -3.96 -9.54
N VAL A 46 0.52 -3.27 -8.96
CA VAL A 46 1.25 -3.80 -7.80
C VAL A 46 0.28 -4.10 -6.63
N LEU A 47 -0.61 -3.15 -6.30
CA LEU A 47 -1.64 -3.38 -5.27
C LEU A 47 -2.50 -4.61 -5.57
N ARG A 48 -2.96 -4.76 -6.80
CA ARG A 48 -3.85 -5.88 -7.14
C ARG A 48 -3.11 -7.22 -7.13
N ALA A 49 -1.81 -7.15 -7.31
CA ALA A 49 -0.98 -8.32 -7.28
C ALA A 49 -0.57 -8.66 -5.85
N GLY A 50 -0.80 -7.72 -4.92
CA GLY A 50 -0.62 -8.01 -3.49
C GLY A 50 0.84 -8.13 -3.10
N VAL A 51 1.71 -7.61 -3.97
CA VAL A 51 3.15 -7.52 -3.68
C VAL A 51 3.35 -6.73 -2.39
N ASP A 52 4.24 -7.23 -1.53
CA ASP A 52 4.62 -6.59 -0.28
C ASP A 52 5.38 -5.28 -0.55
N LEU A 53 4.76 -4.17 -0.16
CA LEU A 53 5.28 -2.86 -0.50
C LEU A 53 6.65 -2.53 0.15
N THR A 54 7.04 -3.28 1.20
CA THR A 54 8.37 -3.13 1.79
C THR A 54 9.52 -3.95 1.10
N ASP A 55 9.18 -4.67 0.03
CA ASP A 55 10.14 -5.47 -0.71
C ASP A 55 10.33 -4.87 -2.10
N PRO A 56 11.30 -3.92 -2.22
CA PRO A 56 11.54 -3.26 -3.51
C PRO A 56 11.84 -4.25 -4.66
N ALA A 57 12.58 -5.32 -4.39
CA ALA A 57 12.86 -6.36 -5.41
C ALA A 57 11.58 -7.07 -5.88
N ALA A 58 10.60 -7.21 -4.98
CA ALA A 58 9.33 -7.82 -5.34
C ALA A 58 8.55 -6.86 -6.23
N ILE A 59 8.54 -5.60 -5.82
CA ILE A 59 7.96 -4.56 -6.65
C ILE A 59 8.63 -4.55 -8.05
N ALA A 60 9.96 -4.49 -8.10
CA ALA A 60 10.70 -4.55 -9.36
C ALA A 60 10.22 -5.72 -10.26
N ALA A 61 10.21 -6.96 -9.75
CA ALA A 61 9.85 -8.16 -10.55
C ALA A 61 8.37 -8.20 -10.94
N ALA A 62 7.51 -7.57 -10.15
CA ALA A 62 6.08 -7.53 -10.45
C ALA A 62 5.71 -6.48 -11.51
N THR A 63 6.70 -5.68 -11.90
CA THR A 63 6.46 -4.62 -12.89
C THR A 63 7.27 -4.73 -14.21
N ASP A 64 7.87 -5.90 -14.48
CA ASP A 64 8.59 -6.12 -15.77
C ASP A 64 7.73 -5.90 -17.02
N GLN A 65 6.45 -6.27 -16.94
CA GLN A 65 5.57 -6.23 -18.07
C GLN A 65 4.22 -5.63 -17.70
N VAL A 66 4.21 -4.37 -17.32
CA VAL A 66 2.92 -3.73 -17.01
C VAL A 66 2.15 -3.41 -18.30
N PRO A 67 0.96 -4.00 -18.45
CA PRO A 67 0.20 -3.80 -19.68
C PRO A 67 -0.55 -2.48 -19.64
N MET A 68 0.20 -1.39 -19.63
CA MET A 68 -0.34 -0.05 -19.51
CA MET A 68 -0.38 -0.07 -19.51
C MET A 68 -0.42 0.63 -20.85
N SER A 69 -1.53 1.32 -21.09
CA SER A 69 -1.68 2.18 -22.28
C SER A 69 -2.36 3.52 -21.88
N VAL A 70 -1.75 4.66 -22.26
CA VAL A 70 -2.31 5.98 -21.95
C VAL A 70 -2.44 6.78 -23.25
N SER A 71 -3.23 7.84 -23.20
CA SER A 71 -3.48 8.64 -24.37
C SER A 71 -2.70 9.95 -24.27
N SER A 72 -2.40 10.50 -25.43
CA SER A 72 -1.67 11.77 -25.55
C SER A 72 -2.60 12.88 -26.00
N ASP A 73 -3.90 12.56 -25.95
CA ASP A 73 -4.97 13.45 -26.36
C ASP A 73 -5.60 14.12 -25.12
N PRO A 74 -5.38 15.43 -24.92
CA PRO A 74 -5.93 16.04 -23.72
C PRO A 74 -7.45 15.95 -23.60
N ASP A 75 -8.14 15.65 -24.72
CA ASP A 75 -9.59 15.49 -24.69
C ASP A 75 -10.07 14.06 -24.46
N ALA A 76 -9.13 13.12 -24.38
CA ALA A 76 -9.47 11.70 -24.28
C ALA A 76 -8.51 10.93 -23.41
N GLN A 77 -8.43 11.33 -22.15
CA GLN A 77 -7.53 10.72 -21.19
C GLN A 77 -8.15 9.48 -20.56
N THR A 78 -7.75 8.32 -21.02
CA THR A 78 -8.21 7.07 -20.42
C THR A 78 -6.95 6.32 -20.05
N ALA A 79 -6.94 5.80 -18.83
CA ALA A 79 -5.83 5.02 -18.34
C ALA A 79 -6.22 3.57 -18.52
N LEU A 80 -5.45 2.87 -19.35
CA LEU A 80 -5.70 1.46 -19.61
C LEU A 80 -4.70 0.57 -18.88
N LEU A 81 -5.24 -0.41 -18.19
CA LEU A 81 -4.48 -1.49 -17.58
C LEU A 81 -5.06 -2.83 -18.06
N ALA A 82 -4.26 -3.51 -18.87
CA ALA A 82 -4.61 -4.77 -19.52
C ALA A 82 -6.00 -4.59 -20.14
N GLY A 83 -6.13 -3.56 -20.97
CA GLY A 83 -7.37 -3.26 -21.69
C GLY A 83 -8.52 -2.77 -20.80
N GLU A 84 -8.33 -2.77 -19.49
CA GLU A 84 -9.35 -2.28 -18.58
C GLU A 84 -9.17 -0.78 -18.34
N ASP A 85 -10.25 -0.02 -18.46
CA ASP A 85 -10.22 1.40 -18.15
C ASP A 85 -10.19 1.62 -16.64
N VAL A 86 -9.06 2.05 -16.15
CA VAL A 86 -8.83 2.24 -14.71
C VAL A 86 -8.66 3.71 -14.28
N SER A 87 -9.03 4.64 -15.16
CA SER A 87 -9.10 6.07 -14.86
C SER A 87 -9.66 6.35 -13.47
N VAL A 88 -10.71 5.62 -13.07
CA VAL A 88 -11.34 5.87 -11.75
C VAL A 88 -10.49 5.29 -10.61
N PRO A 89 -10.17 3.98 -10.61
CA PRO A 89 -9.31 3.49 -9.49
C PRO A 89 -7.94 4.09 -9.28
N ILE A 90 -7.23 4.49 -10.33
CA ILE A 90 -5.86 5.05 -10.17
C ILE A 90 -5.88 6.39 -9.47
N ARG A 91 -7.08 6.99 -9.37
CA ARG A 91 -7.25 8.23 -8.61
C ARG A 91 -7.59 7.97 -7.14
N GLY A 92 -7.84 6.72 -6.77
CA GLY A 92 -8.37 6.40 -5.44
C GLY A 92 -7.31 6.62 -4.37
N ASN A 93 -7.73 6.63 -3.11
CA ASN A 93 -6.85 6.86 -1.96
C ASN A 93 -5.87 5.77 -1.67
N GLU A 94 -6.28 4.53 -1.88
CA GLU A 94 -5.39 3.34 -1.79
C GLU A 94 -4.19 3.51 -2.70
N VAL A 95 -4.48 3.90 -3.95
CA VAL A 95 -3.40 4.19 -4.85
C VAL A 95 -2.62 5.45 -4.47
N THR A 96 -3.30 6.49 -4.00
CA THR A 96 -2.57 7.69 -3.58
C THR A 96 -1.59 7.35 -2.42
N GLY A 97 -1.98 6.42 -1.55
CA GLY A 97 -1.17 5.96 -0.42
C GLY A 97 0.11 5.20 -0.78
N ALA A 98 -0.01 4.36 -1.81
CA ALA A 98 1.00 3.44 -2.23
C ALA A 98 1.86 3.99 -3.37
N VAL A 99 1.38 5.03 -4.07
CA VAL A 99 2.11 5.56 -5.25
C VAL A 99 3.61 5.90 -4.97
N SER A 100 3.94 6.52 -3.84
CA SER A 100 5.36 6.89 -3.65
C SER A 100 6.28 5.74 -3.27
N ALA A 101 5.74 4.71 -2.62
CA ALA A 101 6.48 3.48 -2.37
C ALA A 101 6.79 2.70 -3.65
N VAL A 102 5.83 2.64 -4.56
CA VAL A 102 6.08 1.99 -5.85
C VAL A 102 7.04 2.81 -6.73
N SER A 103 6.77 4.10 -6.84
CA SER A 103 7.57 5.04 -7.61
C SER A 103 9.01 5.16 -7.13
N ALA A 104 9.27 4.89 -5.85
CA ALA A 104 10.64 5.00 -5.33
C ALA A 104 11.51 3.83 -5.74
N VAL A 105 10.94 2.81 -6.37
CA VAL A 105 11.78 1.71 -6.80
C VAL A 105 12.47 2.04 -8.15
N PRO A 106 13.82 2.09 -8.15
CA PRO A 106 14.59 2.51 -9.35
C PRO A 106 14.23 1.78 -10.63
N ALA A 107 14.03 0.47 -10.57
CA ALA A 107 13.61 -0.28 -11.75
C ALA A 107 12.29 0.29 -12.29
N VAL A 108 11.36 0.59 -11.39
CA VAL A 108 10.04 1.15 -11.80
C VAL A 108 10.22 2.53 -12.50
N ARG A 109 10.97 3.46 -11.87
CA ARG A 109 11.17 4.82 -12.47
C ARG A 109 11.91 4.69 -13.82
N GLU A 110 12.97 3.89 -13.83
CA GLU A 110 13.72 3.63 -15.03
C GLU A 110 12.83 3.25 -16.23
N ARG A 111 11.95 2.26 -16.10
CA ARG A 111 11.05 1.91 -17.22
C ARG A 111 10.14 3.08 -17.59
N LEU A 112 9.63 3.77 -16.60
CA LEU A 112 8.58 4.76 -16.86
C LEU A 112 9.14 6.05 -17.47
N VAL A 113 10.36 6.42 -17.07
CA VAL A 113 11.02 7.60 -17.60
C VAL A 113 11.33 7.32 -19.06
N ARG A 114 11.74 6.09 -19.35
CA ARG A 114 12.01 5.71 -20.71
C ARG A 114 10.70 5.79 -21.55
N GLN A 115 9.61 5.36 -20.99
CA GLN A 115 8.39 5.35 -21.79
C GLN A 115 7.94 6.82 -22.03
N GLN A 116 8.08 7.65 -20.99
CA GLN A 116 7.65 9.03 -21.06
C GLN A 116 8.48 9.74 -22.11
N ARG A 117 9.75 9.37 -22.23
CA ARG A 117 10.57 9.97 -23.30
C ARG A 117 10.19 9.52 -24.73
N GLU A 118 9.91 8.24 -24.91
CA GLU A 118 9.43 7.74 -26.20
C GLU A 118 8.06 8.32 -26.56
N LEU A 119 7.18 8.39 -25.58
CA LEU A 119 5.87 8.99 -25.82
C LEU A 119 5.98 10.49 -26.16
N ALA A 120 6.98 11.16 -25.57
CA ALA A 120 7.20 12.59 -25.84
C ALA A 120 7.81 12.76 -27.25
N GLU A 121 8.71 11.85 -27.60
CA GLU A 121 9.40 11.83 -28.90
C GLU A 121 8.42 11.67 -30.07
N SER A 122 7.50 10.70 -29.98
CA SER A 122 6.62 10.35 -31.08
C SER A 122 5.36 11.19 -31.20
N SER A 123 5.18 12.14 -30.28
CA SER A 123 3.94 12.95 -30.17
C SER A 123 4.05 14.35 -30.78
N GLY A 124 5.23 14.75 -31.24
CA GLY A 124 5.39 16.10 -31.81
C GLY A 124 5.18 17.16 -30.74
N ALA A 125 4.46 18.24 -31.09
CA ALA A 125 4.17 19.30 -30.11
C ALA A 125 3.41 18.70 -28.89
N VAL A 126 4.02 18.82 -27.70
CA VAL A 126 3.54 18.10 -26.52
C VAL A 126 3.78 18.88 -25.24
N VAL A 127 2.78 18.84 -24.35
CA VAL A 127 2.91 19.33 -22.99
C VAL A 127 2.98 18.13 -22.07
N VAL A 128 4.10 18.03 -21.31
CA VAL A 128 4.39 16.94 -20.41
C VAL A 128 4.30 17.33 -18.91
N GLU A 129 3.22 16.85 -18.28
CA GLU A 129 3.01 17.11 -16.86
C GLU A 129 3.72 16.13 -15.92
N GLY A 130 4.28 16.64 -14.84
CA GLY A 130 4.97 15.76 -13.90
C GLY A 130 5.49 16.52 -12.70
N ARG A 131 6.48 15.95 -12.01
CA ARG A 131 7.13 16.66 -10.89
C ARG A 131 8.63 16.89 -11.13
N ASP A 132 9.23 16.03 -11.98
CA ASP A 132 10.65 16.18 -12.39
C ASP A 132 10.87 16.15 -13.92
N ILE A 133 9.90 16.61 -14.70
CA ILE A 133 10.03 16.54 -16.15
C ILE A 133 11.20 17.40 -16.57
N GLY A 134 11.19 18.65 -16.10
CA GLY A 134 12.21 19.63 -16.47
C GLY A 134 13.60 19.30 -16.00
N THR A 135 13.70 18.67 -14.82
CA THR A 135 15.00 18.30 -14.18
C THR A 135 15.58 16.98 -14.66
N VAL A 136 14.69 15.97 -14.74
CA VAL A 136 15.09 14.61 -15.00
C VAL A 136 14.50 14.02 -16.28
N VAL A 137 13.18 14.11 -16.47
CA VAL A 137 12.61 13.46 -17.66
C VAL A 137 12.98 14.08 -19.03
N LEU A 138 12.73 15.37 -19.20
CA LEU A 138 13.04 16.03 -20.44
C LEU A 138 13.93 17.28 -20.18
N PRO A 139 15.18 17.06 -19.74
CA PRO A 139 15.97 18.24 -19.39
C PRO A 139 16.23 19.21 -20.54
N ASP A 140 16.04 18.75 -21.78
CA ASP A 140 16.27 19.58 -22.98
C ASP A 140 14.96 20.13 -23.50
N ALA A 141 13.92 20.08 -22.66
CA ALA A 141 12.62 20.63 -22.99
C ALA A 141 12.71 22.10 -23.45
N ASP A 142 11.84 22.54 -24.35
CA ASP A 142 11.93 23.92 -24.89
C ASP A 142 11.47 24.96 -23.88
N VAL A 143 10.32 24.74 -23.25
CA VAL A 143 9.82 25.60 -22.18
C VAL A 143 9.58 24.72 -20.96
N LYS A 144 10.06 25.18 -19.80
CA LYS A 144 9.93 24.45 -18.58
C LYS A 144 9.19 25.35 -17.63
N ILE A 145 8.11 24.83 -17.06
CA ILE A 145 7.21 25.62 -16.26
C ILE A 145 7.13 24.97 -14.94
N TYR A 146 7.06 25.78 -13.91
CA TYR A 146 7.01 25.22 -12.60
C TYR A 146 5.88 25.97 -11.88
N LEU A 147 4.79 25.27 -11.61
CA LEU A 147 3.61 25.91 -11.02
C LEU A 147 3.60 25.71 -9.55
N THR A 148 3.45 26.81 -8.83
CA THR A 148 3.59 26.81 -7.40
C THR A 148 2.50 27.65 -6.77
N ALA A 149 2.26 27.47 -5.47
CA ALA A 149 1.33 28.35 -4.75
C ALA A 149 1.57 28.25 -3.26
N SER A 150 1.18 29.30 -2.52
CA SER A 150 1.32 29.30 -1.07
C SER A 150 0.73 28.03 -0.47
N ALA A 151 1.32 27.58 0.65
CA ALA A 151 0.73 26.51 1.46
C ALA A 151 -0.77 26.77 1.63
N GLN A 152 -1.13 28.02 1.89
CA GLN A 152 -2.51 28.43 2.13
C GLN A 152 -3.44 28.23 0.92
N ALA A 153 -3.04 28.69 -0.28
CA ALA A 153 -3.82 28.48 -1.52
C ALA A 153 -4.13 27.01 -1.85
N ARG A 154 -3.12 26.14 -1.80
CA ARG A 154 -3.27 24.69 -2.06
C ARG A 154 -4.21 24.00 -1.06
N ALA A 155 -3.97 24.27 0.22
CA ALA A 155 -4.87 23.91 1.31
C ALA A 155 -6.33 24.31 1.05
N GLN A 156 -6.55 25.58 0.69
CA GLN A 156 -7.87 26.15 0.41
C GLN A 156 -8.62 25.40 -0.71
N ARG A 157 -7.91 25.02 -1.78
CA ARG A 157 -8.52 24.26 -2.88
C ARG A 157 -9.15 22.95 -2.36
N ARG A 158 -8.32 22.05 -1.81
CA ARG A 158 -8.75 20.74 -1.26
C ARG A 158 -9.96 20.80 -0.27
N ASN A 159 -9.80 21.50 0.85
CA ASN A 159 -10.86 21.64 1.87
C ASN A 159 -12.04 22.46 1.36
N LEU A 175 -5.24 21.21 5.56
CA LEU A 175 -4.13 22.16 5.54
C LEU A 175 -2.85 21.57 6.13
N ALA A 176 -3.00 20.79 7.20
CA ALA A 176 -1.89 20.19 7.95
C ALA A 176 -0.98 19.25 7.14
N ASP A 177 -1.58 18.47 6.24
CA ASP A 177 -0.84 17.51 5.39
C ASP A 177 -0.20 18.10 4.11
N VAL A 178 -0.33 19.41 3.90
CA VAL A 178 0.37 20.11 2.82
C VAL A 178 1.66 20.72 3.35
N GLN A 179 1.62 21.24 4.58
CA GLN A 179 2.80 21.77 5.29
C GLN A 179 3.84 20.68 5.55
N ARG A 180 3.38 19.47 5.87
CA ARG A 180 4.27 18.34 6.13
C ARG A 180 4.88 17.79 4.83
N ARG A 181 4.05 17.63 3.80
CA ARG A 181 4.51 17.10 2.50
C ARG A 181 5.46 18.04 1.73
N ASP A 182 5.40 19.34 2.02
CA ASP A 182 6.34 20.36 1.49
C ASP A 182 7.69 20.25 2.18
N HIS A 183 7.63 20.11 3.51
CA HIS A 183 8.81 19.93 4.34
C HIS A 183 9.53 18.61 4.01
N LEU A 184 8.79 17.51 4.07
CA LEU A 184 9.31 16.19 3.72
C LEU A 184 9.15 15.90 2.23
N PRO A 192 15.44 17.04 -7.50
CA PRO A 192 14.64 16.75 -8.70
C PRO A 192 13.28 17.50 -8.73
N LEU A 193 12.56 17.48 -7.61
CA LEU A 193 11.21 18.05 -7.46
C LEU A 193 11.16 19.59 -7.34
N ARG A 194 12.32 20.21 -7.11
CA ARG A 194 12.48 21.67 -7.16
C ARG A 194 12.67 22.09 -8.64
N PRO A 195 12.45 23.39 -8.97
CA PRO A 195 12.45 23.80 -10.38
C PRO A 195 13.82 23.65 -11.01
N ALA A 196 13.86 23.28 -12.28
CA ALA A 196 15.11 23.28 -13.05
C ALA A 196 15.64 24.73 -13.16
N GLU A 197 16.94 24.86 -13.44
CA GLU A 197 17.63 26.15 -13.56
C GLU A 197 16.94 27.12 -14.51
N ASP A 198 16.46 26.57 -15.63
CA ASP A 198 15.90 27.33 -16.73
C ASP A 198 14.37 27.29 -16.71
N ALA A 199 13.80 26.80 -15.60
CA ALA A 199 12.36 26.70 -15.41
C ALA A 199 11.79 28.05 -15.04
N LEU A 200 10.61 28.36 -15.59
CA LEU A 200 9.89 29.58 -15.26
C LEU A 200 8.88 29.27 -14.16
N GLU A 201 9.05 29.93 -13.02
CA GLU A 201 8.16 29.73 -11.89
C GLU A 201 6.96 30.63 -12.00
N VAL A 202 5.78 30.04 -11.79
CA VAL A 202 4.57 30.82 -11.70
C VAL A 202 3.84 30.54 -10.40
N ASP A 203 3.63 31.59 -9.63
CA ASP A 203 2.90 31.46 -8.40
C ASP A 203 1.44 31.76 -8.69
N THR A 204 0.62 30.71 -8.58
CA THR A 204 -0.80 30.78 -8.93
C THR A 204 -1.72 31.16 -7.77
N SER A 205 -1.13 31.51 -6.61
CA SER A 205 -1.91 31.72 -5.37
C SER A 205 -3.16 32.59 -5.55
N ASP A 206 -3.03 33.63 -6.36
CA ASP A 206 -4.10 34.60 -6.49
C ASP A 206 -4.63 34.67 -7.93
N MET A 207 -4.38 33.62 -8.72
CA MET A 207 -4.81 33.53 -10.11
C MET A 207 -5.87 32.46 -10.25
N THR A 208 -6.84 32.66 -11.13
CA THR A 208 -7.77 31.61 -11.50
C THR A 208 -7.13 30.70 -12.57
N GLN A 209 -7.81 29.60 -12.86
CA GLN A 209 -7.30 28.60 -13.77
C GLN A 209 -7.06 29.18 -15.14
N GLU A 210 -8.02 29.93 -15.63
CA GLU A 210 -7.95 30.46 -16.99
C GLU A 210 -6.91 31.57 -17.14
N GLN A 211 -6.66 32.30 -16.04
CA GLN A 211 -5.55 33.30 -16.00
C GLN A 211 -4.19 32.58 -16.04
N VAL A 212 -4.05 31.50 -15.26
CA VAL A 212 -2.84 30.65 -15.35
C VAL A 212 -2.64 30.19 -16.82
N VAL A 213 -3.70 29.62 -17.43
CA VAL A 213 -3.59 29.19 -18.82
C VAL A 213 -3.16 30.32 -19.78
N ALA A 214 -3.84 31.47 -19.71
CA ALA A 214 -3.43 32.63 -20.49
C ALA A 214 -1.95 32.98 -20.21
N HIS A 215 -1.58 33.02 -18.96
CA HIS A 215 -0.19 33.32 -18.58
C HIS A 215 0.82 32.41 -19.25
N LEU A 216 0.62 31.09 -19.12
CA LEU A 216 1.48 30.11 -19.75
C LEU A 216 1.55 30.17 -21.27
N LEU A 217 0.41 30.44 -21.92
CA LEU A 217 0.35 30.67 -23.39
C LEU A 217 1.25 31.79 -23.80
N ASP A 218 1.23 32.88 -23.01
CA ASP A 218 2.07 34.01 -23.29
C ASP A 218 3.53 33.63 -23.14
N LEU A 219 3.87 32.88 -22.08
CA LEU A 219 5.28 32.44 -21.87
C LEU A 219 5.73 31.55 -23.02
N VAL A 220 4.92 30.57 -23.36
CA VAL A 220 5.17 29.69 -24.50
C VAL A 220 5.22 30.43 -25.84
N ARG A 221 4.25 31.30 -26.11
CA ARG A 221 4.27 32.09 -27.34
C ARG A 221 5.51 32.99 -27.52
N THR A 222 5.88 33.71 -26.46
CA THR A 222 7.02 34.62 -26.50
C THR A 222 8.35 33.88 -26.69
N ARG A 223 8.55 32.77 -25.95
CA ARG A 223 9.64 31.83 -26.22
C ARG A 223 9.28 30.97 -27.46
N SER B 4 -7.37 -17.30 32.66
CA SER B 4 -7.49 -18.79 32.57
C SER B 4 -6.52 -19.30 31.50
N MET B 5 -6.84 -20.42 30.83
CA MET B 5 -5.94 -21.01 29.85
C MET B 5 -5.80 -20.32 28.47
N VAL B 6 -4.56 -19.94 28.19
CA VAL B 6 -4.18 -19.24 26.98
C VAL B 6 -3.42 -20.16 25.99
N VAL B 7 -3.96 -20.33 24.79
CA VAL B 7 -3.24 -21.04 23.72
C VAL B 7 -2.79 -20.07 22.63
N ALA B 8 -1.47 -19.97 22.42
CA ALA B 8 -0.90 -19.20 21.30
C ALA B 8 -0.74 -20.12 20.10
N VAL B 9 -1.25 -19.71 18.94
CA VAL B 9 -0.98 -20.46 17.72
C VAL B 9 -0.23 -19.59 16.69
N ASP B 10 1.06 -19.86 16.50
CA ASP B 10 1.84 -19.11 15.54
C ASP B 10 2.32 -19.97 14.39
N GLY B 11 2.89 -19.31 13.39
CA GLY B 11 3.53 -19.97 12.25
C GLY B 11 3.32 -19.11 11.02
N PRO B 12 3.76 -19.59 9.83
CA PRO B 12 3.57 -18.91 8.57
C PRO B 12 2.15 -19.08 8.03
N SER B 13 1.81 -18.34 6.98
CA SER B 13 0.47 -18.42 6.40
C SER B 13 0.38 -19.52 5.32
N GLY B 14 -0.84 -19.87 4.95
CA GLY B 14 -1.08 -20.93 3.98
C GLY B 14 -0.89 -22.35 4.51
N THR B 15 -1.01 -22.52 5.84
CA THR B 15 -0.90 -23.85 6.48
C THR B 15 -2.27 -24.30 6.95
N GLY B 16 -3.25 -23.43 6.73
CA GLY B 16 -4.63 -23.65 7.18
C GLY B 16 -4.71 -23.27 8.62
N LYS B 17 -3.74 -22.46 9.04
CA LYS B 17 -3.59 -22.00 10.42
C LYS B 17 -4.89 -21.47 11.05
N SER B 18 -5.55 -20.50 10.40
CA SER B 18 -6.72 -19.82 10.98
C SER B 18 -7.87 -20.77 11.24
N SER B 19 -8.22 -21.50 10.21
CA SER B 19 -9.30 -22.45 10.29
C SER B 19 -9.05 -23.51 11.39
N VAL B 20 -7.84 -24.07 11.43
CA VAL B 20 -7.38 -24.93 12.51
C VAL B 20 -7.47 -24.31 13.93
N ALA B 21 -7.02 -23.06 14.06
CA ALA B 21 -7.04 -22.39 15.37
C ALA B 21 -8.46 -22.21 15.85
N LYS B 22 -9.36 -21.84 14.95
CA LYS B 22 -10.75 -21.59 15.32
C LYS B 22 -11.44 -22.87 15.79
N GLU B 23 -11.12 -23.96 15.09
CA GLU B 23 -11.75 -25.23 15.35
C GLU B 23 -11.24 -25.77 16.66
N LEU B 24 -9.97 -25.51 16.95
CA LEU B 24 -9.38 -25.83 18.25
C LEU B 24 -10.12 -25.10 19.35
N ALA B 25 -10.31 -23.80 19.18
CA ALA B 25 -11.03 -22.97 20.11
C ALA B 25 -12.37 -23.61 20.41
N ARG B 26 -13.17 -23.86 19.37
CA ARG B 26 -14.50 -24.45 19.52
C ARG B 26 -14.44 -25.73 20.34
N GLN B 27 -13.51 -26.62 19.96
CA GLN B 27 -13.36 -27.92 20.63
C GLN B 27 -12.93 -27.77 22.09
N LEU B 28 -12.25 -26.66 22.40
CA LEU B 28 -11.86 -26.42 23.77
C LEU B 28 -12.89 -25.67 24.59
N GLY B 29 -14.02 -25.32 23.98
CA GLY B 29 -15.01 -24.42 24.58
C GLY B 29 -14.49 -23.01 24.80
N ALA B 30 -13.56 -22.59 23.95
CA ALA B 30 -12.80 -21.37 24.19
C ALA B 30 -13.03 -20.26 23.18
N SER B 31 -12.60 -19.06 23.55
CA SER B 31 -12.66 -17.94 22.64
CA SER B 31 -12.66 -17.92 22.67
C SER B 31 -11.49 -17.99 21.65
N TYR B 32 -11.59 -17.16 20.61
CA TYR B 32 -10.60 -17.11 19.57
C TYR B 32 -10.37 -15.66 19.20
N LEU B 33 -9.12 -15.34 18.86
CA LEU B 33 -8.70 -14.01 18.43
C LEU B 33 -7.76 -14.12 17.25
N ASP B 34 -8.19 -13.53 16.13
CA ASP B 34 -7.44 -13.47 14.89
C ASP B 34 -6.65 -12.16 14.94
N THR B 35 -5.41 -12.19 15.40
CA THR B 35 -4.62 -10.95 15.52
C THR B 35 -4.16 -10.43 14.16
N GLY B 36 -3.99 -11.33 13.19
CA GLY B 36 -3.66 -10.95 11.80
C GLY B 36 -4.71 -10.02 11.21
N ALA B 37 -5.97 -10.35 11.48
CA ALA B 37 -7.09 -9.52 11.05
C ALA B 37 -7.06 -8.11 11.62
N MET B 38 -6.46 -7.92 12.81
CA MET B 38 -6.44 -6.58 13.41
C MET B 38 -5.50 -5.65 12.63
N TYR B 39 -4.27 -6.11 12.37
CA TYR B 39 -3.35 -5.43 11.44
C TYR B 39 -3.95 -5.10 10.09
N ARG B 40 -4.82 -5.99 9.61
CA ARG B 40 -5.41 -5.82 8.29
C ARG B 40 -6.49 -4.76 8.33
N ILE B 41 -7.22 -4.66 9.46
CA ILE B 41 -8.25 -3.67 9.61
C ILE B 41 -7.58 -2.29 9.64
N VAL B 42 -6.48 -2.19 10.37
CA VAL B 42 -5.76 -0.92 10.47
C VAL B 42 -5.18 -0.54 9.10
N THR B 43 -4.51 -1.51 8.45
CA THR B 43 -4.10 -1.33 7.07
C THR B 43 -5.25 -0.80 6.16
N LEU B 44 -6.43 -1.39 6.25
CA LEU B 44 -7.53 -0.90 5.43
C LEU B 44 -7.82 0.60 5.71
N TRP B 45 -7.93 0.94 6.98
CA TRP B 45 -8.21 2.30 7.41
C TRP B 45 -7.14 3.29 6.87
N VAL B 46 -5.88 2.90 7.00
CA VAL B 46 -4.74 3.65 6.42
C VAL B 46 -4.81 3.81 4.87
N LEU B 47 -5.04 2.72 4.14
CA LEU B 47 -5.27 2.80 2.68
C LEU B 47 -6.42 3.71 2.30
N ARG B 48 -7.51 3.65 3.05
CA ARG B 48 -8.67 4.47 2.68
C ARG B 48 -8.45 5.95 2.99
N ALA B 49 -7.58 6.22 3.95
CA ALA B 49 -7.26 7.60 4.32
C ALA B 49 -6.25 8.16 3.33
N GLY B 50 -5.68 7.28 2.50
CA GLY B 50 -4.80 7.72 1.43
C GLY B 50 -3.47 8.18 1.98
N VAL B 51 -3.17 7.71 3.18
CA VAL B 51 -1.91 8.05 3.90
C VAL B 51 -0.66 7.59 3.09
N ASP B 52 0.36 8.43 3.00
CA ASP B 52 1.62 8.06 2.35
C ASP B 52 2.38 6.95 3.08
N LEU B 53 2.51 5.78 2.44
CA LEU B 53 3.02 4.60 3.13
C LEU B 53 4.54 4.60 3.34
N THR B 54 5.24 5.59 2.78
CA THR B 54 6.68 5.72 3.06
C THR B 54 6.92 6.61 4.29
N ASP B 55 5.85 7.20 4.84
CA ASP B 55 5.93 8.11 5.98
C ASP B 55 5.32 7.46 7.24
N PRO B 56 6.18 6.80 8.07
CA PRO B 56 5.75 6.17 9.31
C PRO B 56 5.09 7.14 10.27
N ALA B 57 5.51 8.40 10.25
CA ALA B 57 4.89 9.41 11.08
C ALA B 57 3.44 9.71 10.67
N ALA B 58 3.16 9.72 9.36
CA ALA B 58 1.79 9.95 8.93
C ALA B 58 0.93 8.73 9.23
N ILE B 59 1.51 7.54 9.05
CA ILE B 59 0.85 6.31 9.42
C ILE B 59 0.52 6.34 10.93
N ALA B 60 1.49 6.61 11.78
CA ALA B 60 1.22 6.66 13.22
C ALA B 60 0.04 7.61 13.52
N ALA B 61 0.11 8.83 12.97
CA ALA B 61 -0.80 9.95 13.29
C ALA B 61 -2.22 9.70 12.82
N ALA B 62 -2.34 8.89 11.79
CA ALA B 62 -3.60 8.56 11.16
C ALA B 62 -4.23 7.33 11.83
N THR B 63 -3.54 6.74 12.81
CA THR B 63 -4.07 5.56 13.48
C THR B 63 -4.30 5.67 15.03
N ASP B 64 -4.42 6.91 15.56
CA ASP B 64 -4.61 7.15 17.00
C ASP B 64 -5.96 6.67 17.49
N GLN B 65 -6.92 6.63 16.57
CA GLN B 65 -8.30 6.39 16.94
C GLN B 65 -8.96 5.51 15.87
N VAL B 66 -8.36 4.36 15.63
CA VAL B 66 -8.87 3.44 14.61
C VAL B 66 -10.14 2.81 15.17
N PRO B 67 -11.31 3.05 14.50
CA PRO B 67 -12.56 2.55 15.08
C PRO B 67 -12.81 1.06 14.79
N MET B 68 -11.94 0.21 15.35
CA MET B 68 -11.92 -1.22 15.10
C MET B 68 -12.76 -1.93 16.11
N SER B 69 -13.47 -2.95 15.69
CA SER B 69 -14.14 -3.84 16.65
C SER B 69 -14.04 -5.26 16.13
N VAL B 70 -13.47 -6.17 16.91
CA VAL B 70 -13.39 -7.57 16.48
C VAL B 70 -14.12 -8.50 17.47
N SER B 71 -14.33 -9.75 17.05
CA SER B 71 -14.98 -10.73 17.89
C SER B 71 -14.01 -11.75 18.48
N SER B 72 -14.35 -12.19 19.70
CA SER B 72 -13.64 -13.29 20.38
C SER B 72 -14.35 -14.65 20.27
N ASP B 73 -15.40 -14.69 19.45
CA ASP B 73 -16.18 -15.89 19.19
C ASP B 73 -15.74 -16.51 17.86
N PRO B 74 -15.09 -17.69 17.90
CA PRO B 74 -14.73 -18.44 16.68
C PRO B 74 -15.91 -18.71 15.73
N ASP B 75 -17.14 -18.66 16.24
CA ASP B 75 -18.34 -18.79 15.42
C ASP B 75 -18.96 -17.48 14.90
N ALA B 76 -18.37 -16.32 15.24
CA ALA B 76 -18.92 -15.02 14.80
C ALA B 76 -17.85 -13.99 14.51
N GLN B 77 -16.99 -14.30 13.55
CA GLN B 77 -15.82 -13.46 13.27
C GLN B 77 -16.10 -12.37 12.22
N THR B 78 -16.61 -11.23 12.65
CA THR B 78 -16.73 -10.08 11.77
C THR B 78 -15.63 -9.07 12.11
N ALA B 79 -15.08 -8.45 11.05
CA ALA B 79 -14.16 -7.37 11.13
C ALA B 79 -14.97 -6.12 10.93
N LEU B 80 -15.06 -5.34 12.00
CA LEU B 80 -15.80 -4.09 11.94
C LEU B 80 -14.88 -2.88 11.95
N LEU B 81 -15.14 -1.96 11.05
CA LEU B 81 -14.36 -0.74 10.99
C LEU B 81 -15.35 0.39 10.87
N ALA B 82 -15.33 1.27 11.86
CA ALA B 82 -16.32 2.33 11.97
C ALA B 82 -17.74 1.73 11.78
N GLY B 83 -17.98 0.60 12.42
CA GLY B 83 -19.27 -0.07 12.32
C GLY B 83 -19.60 -0.60 10.93
N GLU B 84 -18.60 -0.66 10.06
CA GLU B 84 -18.82 -1.23 8.74
C GLU B 84 -18.13 -2.60 8.70
N ASP B 85 -18.86 -3.64 8.26
CA ASP B 85 -18.30 -4.99 8.14
C ASP B 85 -17.30 -4.95 7.01
N VAL B 86 -16.03 -5.04 7.38
CA VAL B 86 -14.99 -5.02 6.40
C VAL B 86 -14.29 -6.40 6.25
N SER B 87 -14.92 -7.46 6.75
CA SER B 87 -14.43 -8.83 6.62
C SER B 87 -13.86 -9.15 5.23
N VAL B 88 -14.50 -8.64 4.18
CA VAL B 88 -14.12 -9.00 2.81
C VAL B 88 -12.93 -8.11 2.36
N PRO B 89 -13.10 -6.77 2.41
CA PRO B 89 -11.98 -5.98 1.89
C PRO B 89 -10.64 -6.24 2.57
N ILE B 90 -10.62 -6.52 3.88
CA ILE B 90 -9.38 -6.78 4.64
C ILE B 90 -8.60 -8.05 4.20
N ARG B 91 -9.21 -8.90 3.39
CA ARG B 91 -8.53 -10.09 2.88
C ARG B 91 -8.03 -9.80 1.47
N GLY B 92 -8.35 -8.62 0.94
CA GLY B 92 -8.03 -8.22 -0.43
C GLY B 92 -6.54 -8.10 -0.64
N ASN B 93 -6.16 -8.07 -1.90
CA ASN B 93 -4.76 -8.07 -2.30
C ASN B 93 -4.05 -6.79 -1.93
N GLU B 94 -4.77 -5.68 -1.98
CA GLU B 94 -4.22 -4.37 -1.64
C GLU B 94 -3.84 -4.29 -0.18
N VAL B 95 -4.62 -4.91 0.70
CA VAL B 95 -4.34 -4.85 2.10
C VAL B 95 -3.21 -5.86 2.35
N THR B 96 -3.25 -7.02 1.69
CA THR B 96 -2.09 -7.89 1.79
C THR B 96 -0.81 -7.20 1.38
N GLY B 97 -0.87 -6.39 0.32
CA GLY B 97 0.30 -5.57 -0.10
C GLY B 97 0.89 -4.60 0.93
N ALA B 98 0.02 -4.01 1.74
CA ALA B 98 0.38 -2.80 2.44
C ALA B 98 0.54 -3.14 3.88
N VAL B 99 0.10 -4.34 4.24
CA VAL B 99 -0.05 -4.72 5.67
C VAL B 99 1.28 -4.72 6.45
N SER B 100 2.39 -5.16 5.84
CA SER B 100 3.66 -5.23 6.59
C SER B 100 4.30 -3.84 6.73
N ALA B 101 3.97 -2.95 5.80
CA ALA B 101 4.42 -1.56 5.88
C ALA B 101 3.73 -0.88 7.02
N VAL B 102 2.43 -1.18 7.20
CA VAL B 102 1.64 -0.51 8.24
C VAL B 102 2.00 -1.12 9.61
N SER B 103 2.12 -2.46 9.65
CA SER B 103 2.49 -3.17 10.88
C SER B 103 3.90 -2.87 11.37
N ALA B 104 4.79 -2.45 10.47
CA ALA B 104 6.19 -2.17 10.82
C ALA B 104 6.28 -0.93 11.71
N VAL B 105 5.28 -0.06 11.62
CA VAL B 105 5.29 1.18 12.38
C VAL B 105 5.21 0.93 13.92
N PRO B 106 6.29 1.29 14.67
CA PRO B 106 6.32 1.00 16.13
C PRO B 106 5.02 1.40 16.82
N ALA B 107 4.49 2.58 16.50
CA ALA B 107 3.30 3.10 17.16
C ALA B 107 2.04 2.24 16.84
N VAL B 108 1.93 1.76 15.61
CA VAL B 108 0.84 0.85 15.21
C VAL B 108 0.89 -0.47 15.96
N ARG B 109 2.05 -1.12 15.99
CA ARG B 109 2.21 -2.36 16.79
C ARG B 109 1.89 -2.18 18.27
N GLU B 110 2.34 -1.08 18.84
CA GLU B 110 2.23 -0.80 20.27
C GLU B 110 0.74 -0.80 20.73
N ARG B 111 -0.12 -0.13 19.95
CA ARG B 111 -1.56 -0.12 20.24
C ARG B 111 -2.19 -1.51 20.05
N LEU B 112 -1.83 -2.21 18.98
CA LEU B 112 -2.40 -3.52 18.69
C LEU B 112 -1.92 -4.59 19.67
N VAL B 113 -0.65 -4.51 20.09
CA VAL B 113 -0.12 -5.48 21.04
C VAL B 113 -0.87 -5.31 22.37
N ARG B 114 -1.02 -4.06 22.81
CA ARG B 114 -1.88 -3.71 23.94
C ARG B 114 -3.34 -4.22 23.82
N GLN B 115 -3.97 -4.06 22.66
CA GLN B 115 -5.37 -4.42 22.50
C GLN B 115 -5.54 -5.92 22.61
N GLN B 116 -4.57 -6.63 22.04
CA GLN B 116 -4.60 -8.09 21.94
C GLN B 116 -4.46 -8.63 23.32
N ARG B 117 -3.63 -7.98 24.13
CA ARG B 117 -3.42 -8.43 25.51
C ARG B 117 -4.65 -8.19 26.41
N GLU B 118 -5.32 -7.07 26.24
CA GLU B 118 -6.54 -6.80 26.99
C GLU B 118 -7.64 -7.74 26.52
N LEU B 119 -7.73 -7.94 25.21
CA LEU B 119 -8.70 -8.85 24.69
C LEU B 119 -8.46 -10.28 25.16
N ALA B 120 -7.18 -10.63 25.33
CA ALA B 120 -6.86 -11.96 25.85
C ALA B 120 -7.33 -12.12 27.29
N GLU B 121 -7.04 -11.14 28.15
CA GLU B 121 -7.43 -11.26 29.57
C GLU B 121 -8.95 -11.28 29.66
N SER B 122 -9.55 -10.37 28.89
CA SER B 122 -10.99 -10.19 28.77
C SER B 122 -11.81 -11.45 28.41
N SER B 123 -11.13 -12.51 27.94
CA SER B 123 -11.78 -13.61 27.22
C SER B 123 -11.79 -14.95 27.97
N GLY B 124 -11.07 -15.04 29.09
CA GLY B 124 -10.96 -16.30 29.79
C GLY B 124 -10.17 -17.33 29.00
N ALA B 125 -10.78 -18.51 28.74
CA ALA B 125 -10.14 -19.53 27.92
C ALA B 125 -10.10 -19.08 26.46
N VAL B 126 -8.91 -18.97 25.89
CA VAL B 126 -8.78 -18.32 24.62
C VAL B 126 -7.65 -18.91 23.80
N VAL B 127 -7.92 -19.12 22.51
CA VAL B 127 -6.89 -19.43 21.53
C VAL B 127 -6.60 -18.13 20.73
N VAL B 128 -5.35 -17.65 20.80
CA VAL B 128 -4.92 -16.44 20.14
C VAL B 128 -4.00 -16.78 18.98
N GLU B 129 -4.45 -16.50 17.75
CA GLU B 129 -3.64 -16.84 16.59
C GLU B 129 -2.84 -15.61 16.16
N GLY B 130 -1.66 -15.81 15.59
CA GLY B 130 -0.95 -14.71 14.97
C GLY B 130 0.37 -15.23 14.47
N ARG B 131 1.37 -14.33 14.46
CA ARG B 131 2.78 -14.63 14.07
C ARG B 131 3.76 -14.61 15.26
N ASP B 132 3.55 -13.67 16.19
CA ASP B 132 4.45 -13.51 17.33
C ASP B 132 3.73 -13.56 18.66
N ILE B 133 2.68 -14.38 18.76
CA ILE B 133 1.91 -14.51 20.00
C ILE B 133 2.71 -15.23 21.12
N GLY B 134 3.39 -16.32 20.77
CA GLY B 134 4.17 -17.09 21.73
C GLY B 134 5.42 -16.36 22.18
N THR B 135 6.05 -15.61 21.28
CA THR B 135 7.27 -14.87 21.59
C THR B 135 7.01 -13.52 22.28
N VAL B 136 6.21 -12.68 21.66
CA VAL B 136 6.10 -11.28 22.05
C VAL B 136 4.78 -10.95 22.74
N VAL B 137 3.65 -11.29 22.13
CA VAL B 137 2.36 -10.86 22.68
C VAL B 137 1.94 -11.51 24.02
N LEU B 138 1.90 -12.84 24.06
CA LEU B 138 1.56 -13.61 25.25
C LEU B 138 2.68 -14.58 25.58
N PRO B 139 3.85 -14.09 26.02
CA PRO B 139 4.97 -14.96 26.34
C PRO B 139 4.71 -15.90 27.53
N ASP B 140 3.67 -15.63 28.31
CA ASP B 140 3.28 -16.54 29.39
C ASP B 140 2.04 -17.35 29.04
N ALA B 141 1.77 -17.48 27.74
CA ALA B 141 0.77 -18.42 27.29
C ALA B 141 1.06 -19.80 27.91
N ASP B 142 0.02 -20.51 28.30
CA ASP B 142 0.17 -21.86 28.86
C ASP B 142 0.71 -22.82 27.80
N VAL B 143 0.01 -22.94 26.67
CA VAL B 143 0.46 -23.77 25.52
C VAL B 143 0.81 -22.96 24.27
N LYS B 144 2.01 -23.16 23.74
CA LYS B 144 2.46 -22.42 22.59
C LYS B 144 2.63 -23.38 21.44
N ILE B 145 1.85 -23.15 20.41
CA ILE B 145 1.84 -24.00 19.22
C ILE B 145 2.44 -23.24 18.05
N TYR B 146 3.34 -23.88 17.33
CA TYR B 146 3.90 -23.29 16.15
C TYR B 146 3.59 -24.16 14.94
N LEU B 147 2.61 -23.78 14.12
CA LEU B 147 2.23 -24.56 12.92
C LEU B 147 3.05 -24.23 11.69
N THR B 148 3.57 -25.26 11.05
CA THR B 148 4.54 -25.11 9.97
C THR B 148 4.32 -26.16 8.90
N ALA B 149 4.79 -25.88 7.69
CA ALA B 149 4.75 -26.88 6.62
C ALA B 149 5.84 -26.54 5.63
N SER B 150 6.26 -27.53 4.84
CA SER B 150 7.23 -27.29 3.77
C SER B 150 6.79 -26.17 2.84
N ALA B 151 7.77 -25.50 2.23
CA ALA B 151 7.51 -24.54 1.16
C ALA B 151 6.60 -25.15 0.08
N GLN B 152 6.87 -26.42 -0.26
CA GLN B 152 6.13 -27.18 -1.27
C GLN B 152 4.67 -27.48 -0.91
N ALA B 153 4.39 -27.75 0.37
CA ALA B 153 3.02 -28.01 0.83
C ALA B 153 2.16 -26.73 0.89
N ARG B 154 2.74 -25.64 1.39
CA ARG B 154 2.08 -24.31 1.34
C ARG B 154 1.91 -23.76 -0.08
N ALA B 155 2.90 -23.95 -0.95
CA ALA B 155 2.78 -23.68 -2.39
C ALA B 155 1.58 -24.43 -2.97
N GLN B 156 1.48 -25.72 -2.65
CA GLN B 156 0.32 -26.57 -3.03
C GLN B 156 -1.02 -26.01 -2.52
N ARG B 157 -1.10 -25.64 -1.24
CA ARG B 157 -2.36 -25.13 -0.67
C ARG B 157 -2.73 -23.74 -1.15
N ARG B 158 -1.76 -23.00 -1.70
CA ARG B 158 -2.03 -21.67 -2.22
C ARG B 158 -2.78 -21.73 -3.57
N ASN B 159 -2.19 -22.39 -4.57
CA ASN B 159 -2.86 -22.58 -5.86
C ASN B 159 -4.12 -23.45 -5.73
N LEU B 175 4.14 -20.39 -5.29
CA LEU B 175 5.30 -21.26 -5.47
C LEU B 175 6.59 -20.51 -5.09
N ALA B 176 7.23 -19.88 -6.08
CA ALA B 176 8.49 -19.12 -5.88
C ALA B 176 8.33 -17.88 -4.99
N ASP B 177 7.11 -17.36 -4.91
CA ASP B 177 6.80 -16.21 -4.04
C ASP B 177 6.81 -16.59 -2.55
N VAL B 178 6.38 -17.81 -2.25
CA VAL B 178 6.35 -18.34 -0.88
C VAL B 178 7.76 -18.62 -0.35
N GLN B 179 8.66 -19.02 -1.23
CA GLN B 179 10.08 -19.19 -0.85
C GLN B 179 10.84 -17.87 -0.66
N ARG B 180 10.45 -16.84 -1.42
CA ARG B 180 10.97 -15.49 -1.21
C ARG B 180 10.46 -14.90 0.12
N ARG B 181 9.16 -15.08 0.38
CA ARG B 181 8.55 -14.65 1.63
C ARG B 181 9.10 -15.43 2.83
N ASP B 182 9.58 -16.66 2.59
CA ASP B 182 10.31 -17.50 3.56
C ASP B 182 11.68 -16.94 3.92
N HIS B 183 12.48 -16.62 2.88
CA HIS B 183 13.82 -16.03 3.01
C HIS B 183 13.77 -14.68 3.73
N LEU B 184 12.81 -13.84 3.33
CA LEU B 184 12.60 -12.50 3.89
C LEU B 184 12.09 -12.50 5.35
N ASP B 185 11.13 -13.38 5.67
CA ASP B 185 10.55 -13.52 7.01
C ASP B 185 11.55 -14.07 8.04
N SER B 186 12.48 -14.89 7.55
CA SER B 186 13.64 -15.32 8.33
C SER B 186 14.65 -14.16 8.52
N THR B 187 14.79 -13.32 7.48
CA THR B 187 15.82 -12.26 7.38
C THR B 187 15.41 -10.88 7.94
N ARG B 188 14.11 -10.61 7.98
CA ARG B 188 13.57 -9.31 8.43
C ARG B 188 14.20 -8.74 9.71
N ALA B 189 14.33 -7.42 9.75
CA ALA B 189 14.94 -6.74 10.89
C ALA B 189 13.93 -6.48 12.01
N VAL B 190 12.66 -6.35 11.62
CA VAL B 190 11.57 -6.05 12.55
C VAL B 190 10.58 -7.22 12.56
N SER B 191 10.43 -7.84 13.73
CA SER B 191 9.61 -9.04 13.92
C SER B 191 9.87 -10.11 12.83
N PRO B 192 11.07 -10.76 12.87
CA PRO B 192 11.23 -11.89 11.94
C PRO B 192 10.44 -13.08 12.49
N LEU B 193 9.97 -13.94 11.60
CA LEU B 193 9.22 -15.13 12.00
C LEU B 193 10.13 -16.23 12.57
N ARG B 194 9.95 -16.52 13.87
CA ARG B 194 10.63 -17.61 14.55
C ARG B 194 9.67 -18.12 15.64
N PRO B 195 9.76 -19.42 16.00
CA PRO B 195 8.96 -20.01 17.08
C PRO B 195 9.55 -19.68 18.45
N ALA B 196 8.72 -19.72 19.49
CA ALA B 196 9.20 -19.46 20.85
C ALA B 196 10.03 -20.64 21.30
N GLU B 197 10.99 -20.39 22.19
CA GLU B 197 11.90 -21.42 22.73
C GLU B 197 11.14 -22.64 23.28
N ASP B 198 9.92 -22.38 23.76
CA ASP B 198 9.05 -23.38 24.39
C ASP B 198 7.80 -23.69 23.55
N ALA B 199 7.81 -23.27 22.28
CA ALA B 199 6.73 -23.61 21.37
C ALA B 199 6.83 -25.06 20.94
N LEU B 200 5.66 -25.68 20.74
CA LEU B 200 5.57 -27.04 20.18
C LEU B 200 5.39 -26.96 18.65
N GLU B 201 6.44 -27.34 17.92
CA GLU B 201 6.41 -27.22 16.48
C GLU B 201 5.75 -28.44 15.86
N VAL B 202 4.68 -28.19 15.08
CA VAL B 202 3.97 -29.26 14.40
C VAL B 202 4.14 -28.99 12.91
N ASP B 203 4.67 -29.98 12.21
CA ASP B 203 4.86 -29.94 10.77
C ASP B 203 3.63 -30.60 10.15
N THR B 204 2.81 -29.80 9.45
CA THR B 204 1.51 -30.21 8.90
C THR B 204 1.53 -30.54 7.38
N SER B 205 2.72 -30.63 6.79
CA SER B 205 2.90 -30.90 5.34
C SER B 205 2.05 -32.07 4.82
N ASP B 206 2.04 -33.17 5.59
CA ASP B 206 1.33 -34.39 5.23
C ASP B 206 0.08 -34.68 6.10
N MET B 207 -0.41 -33.65 6.78
CA MET B 207 -1.63 -33.78 7.56
C MET B 207 -2.81 -33.09 6.88
N THR B 208 -4.02 -33.54 7.21
CA THR B 208 -5.24 -32.84 6.87
C THR B 208 -5.61 -32.00 8.07
N GLN B 209 -6.54 -31.09 7.87
CA GLN B 209 -6.92 -30.08 8.84
C GLN B 209 -7.49 -30.70 10.11
N GLU B 210 -8.47 -31.60 9.98
CA GLU B 210 -9.04 -32.32 11.12
C GLU B 210 -7.99 -33.11 11.91
N GLN B 211 -6.98 -33.66 11.23
CA GLN B 211 -5.82 -34.31 11.90
C GLN B 211 -4.96 -33.31 12.68
N VAL B 212 -4.79 -32.09 12.12
CA VAL B 212 -4.01 -31.05 12.80
C VAL B 212 -4.79 -30.66 14.05
N VAL B 213 -6.09 -30.43 13.91
CA VAL B 213 -6.93 -30.16 15.08
C VAL B 213 -6.79 -31.26 16.15
N ALA B 214 -7.01 -32.52 15.76
CA ALA B 214 -6.89 -33.64 16.70
C ALA B 214 -5.56 -33.58 17.44
N HIS B 215 -4.49 -33.31 16.71
CA HIS B 215 -3.15 -33.28 17.29
C HIS B 215 -2.96 -32.14 18.31
N LEU B 216 -3.51 -30.96 18.01
CA LEU B 216 -3.33 -29.84 18.90
C LEU B 216 -4.17 -30.00 20.16
N LEU B 217 -5.35 -30.59 20.03
CA LEU B 217 -6.19 -30.90 21.18
C LEU B 217 -5.47 -31.86 22.14
N ASP B 218 -4.81 -32.88 21.57
CA ASP B 218 -4.00 -33.77 22.37
C ASP B 218 -2.90 -33.05 23.12
N LEU B 219 -2.13 -32.21 22.39
CA LEU B 219 -1.07 -31.39 22.98
C LEU B 219 -1.60 -30.49 24.08
N VAL B 220 -2.75 -29.87 23.85
CA VAL B 220 -3.34 -29.00 24.86
C VAL B 220 -3.85 -29.79 26.06
N ARG B 221 -4.55 -30.89 25.79
CA ARG B 221 -5.10 -31.70 26.86
C ARG B 221 -4.04 -32.38 27.71
N THR B 222 -2.93 -32.78 27.09
CA THR B 222 -1.77 -33.27 27.82
C THR B 222 -1.20 -32.19 28.75
N ARG B 223 -1.13 -30.96 28.24
CA ARG B 223 -0.58 -29.85 29.02
C ARG B 223 -1.64 -28.78 29.29
#